data_2K8Z
#
_entry.id   2K8Z
#
_entity_poly.entity_id   1
_entity_poly.type   'polydeoxyribonucleotide'
_entity_poly.pdbx_seq_one_letter_code
;(DT)(DC)(DG)(DT)(DT)(DG)(DC)(DT)
;
_entity_poly.pdbx_strand_id   A,B
#
loop_
_chem_comp.id
_chem_comp.type
_chem_comp.name
_chem_comp.formula
DC DNA linking 2'-DEOXYCYTIDINE-5'-MONOPHOSPHATE 'C9 H14 N3 O7 P'
DG DNA linking 2'-DEOXYGUANOSINE-5'-MONOPHOSPHATE 'C10 H14 N5 O7 P'
DT DNA linking THYMIDINE-5'-MONOPHOSPHATE 'C10 H15 N2 O8 P'
#